data_4XIZ
#
_entry.id   4XIZ
#
_cell.length_a   43.022
_cell.length_b   74.123
_cell.length_c   87.912
_cell.angle_alpha   90.000
_cell.angle_beta   95.140
_cell.angle_gamma   90.000
#
_symmetry.space_group_name_H-M   'P 1 21 1'
#
loop_
_entity.id
_entity.type
_entity.pdbx_description
1 polymer 'Protein UPS1, mitochondrial'
2 polymer 'Mitochondrial distribution and morphology protein 35'
3 non-polymer '2-(HEXADECANOYLOXY)-1-[(PHOSPHONOOXY)METHYL]ETHYL HEXADECANOATE'
4 water water
#
loop_
_entity_poly.entity_id
_entity_poly.type
_entity_poly.pdbx_seq_one_letter_code
_entity_poly.pdbx_strand_id
1 'polypeptide(L)'
;MVLLHKSTHIFPTDFASVSRAFFNRYPNPYSPHVLSIDTISRNVDQEGNLRTTRLLKKSGKLPTWVKPFLRGITETWIIE
VSVVNPANSTMKTYTRNLDHTGIMKVEEYTTYQFDSATSSTIADSRVKFSSGFNMGIKSKVEDWSRTKFDENVKKSRMGM
AFVIQKLEEA
;
A,B
2 'polypeptide(L)' SASFAPECTDLKTKYDSCFNEWYSEKFLKGKSVENECSKQWYAYTTCVNAALVKQGIKPALDEAREEAPF M,N
#
loop_
_chem_comp.id
_chem_comp.type
_chem_comp.name
_chem_comp.formula
LPP non-polymer '2-(HEXADECANOYLOXY)-1-[(PHOSPHONOOXY)METHYL]ETHYL HEXADECANOATE' 'C35 H69 O8 P'
#
# COMPACT_ATOMS: atom_id res chain seq x y z
N MET A 1 12.72 -26.78 -2.45
CA MET A 1 12.97 -25.87 -3.57
C MET A 1 13.69 -24.61 -3.08
N VAL A 2 14.61 -24.13 -3.91
CA VAL A 2 15.39 -22.94 -3.61
C VAL A 2 15.31 -22.04 -4.83
N LEU A 3 15.03 -20.76 -4.59
CA LEU A 3 14.99 -19.76 -5.65
C LEU A 3 15.86 -18.57 -5.23
N LEU A 4 16.86 -18.24 -6.04
CA LEU A 4 17.75 -17.13 -5.70
C LEU A 4 17.49 -15.96 -6.64
N HIS A 5 17.43 -14.75 -6.08
CA HIS A 5 17.18 -13.55 -6.85
C HIS A 5 18.26 -12.54 -6.49
N LYS A 6 18.61 -11.67 -7.42
CA LYS A 6 19.62 -10.65 -7.17
C LYS A 6 19.24 -9.30 -7.82
N SER A 7 19.71 -8.21 -7.21
CA SER A 7 19.51 -6.89 -7.79
C SER A 7 20.59 -5.95 -7.28
N THR A 8 20.78 -4.85 -7.99
CA THR A 8 21.74 -3.81 -7.58
C THR A 8 21.10 -2.45 -7.74
N HIS A 9 21.42 -1.54 -6.81
CA HIS A 9 20.96 -0.16 -6.92
C HIS A 9 22.09 0.76 -6.51
N ILE A 10 22.14 1.96 -7.09
CA ILE A 10 23.12 2.96 -6.68
C ILE A 10 22.42 4.14 -6.04
N PHE A 11 22.81 4.47 -4.82
CA PHE A 11 22.38 5.71 -4.18
C PHE A 11 23.47 6.75 -4.36
N PRO A 12 23.13 7.88 -4.98
CA PRO A 12 24.16 8.90 -5.21
C PRO A 12 24.34 9.83 -4.00
N THR A 13 24.58 9.27 -2.82
CA THR A 13 24.93 10.06 -1.63
C THR A 13 25.94 9.27 -0.81
N ASP A 14 26.46 9.90 0.26
CA ASP A 14 27.60 9.36 0.98
C ASP A 14 27.20 8.23 1.95
N PHE A 15 28.21 7.48 2.40
CA PHE A 15 27.99 6.34 3.30
C PHE A 15 27.24 6.69 4.58
N ALA A 16 27.53 7.88 5.13
CA ALA A 16 26.92 8.27 6.40
C ALA A 16 25.42 8.47 6.23
N SER A 17 25.02 8.98 5.08
CA SER A 17 23.61 9.25 4.81
C SER A 17 22.85 7.95 4.59
N VAL A 18 23.41 7.04 3.81
CA VAL A 18 22.76 5.76 3.56
C VAL A 18 22.66 4.92 4.83
N SER A 19 23.75 4.76 5.56
CA SER A 19 23.74 3.90 6.74
C SER A 19 22.85 4.47 7.85
N ARG A 20 22.80 5.79 7.96
CA ARG A 20 21.90 6.41 8.91
C ARG A 20 20.44 6.22 8.49
N ALA A 21 20.19 6.33 7.20
CA ALA A 21 18.86 6.09 6.67
C ALA A 21 18.41 4.66 6.99
N PHE A 22 19.33 3.72 6.87
CA PHE A 22 18.99 2.33 7.11
C PHE A 22 18.52 2.13 8.56
N PHE A 23 19.23 2.73 9.51
CA PHE A 23 18.84 2.61 10.92
C PHE A 23 17.55 3.35 11.23
N ASN A 24 17.16 4.28 10.35
CA ASN A 24 15.98 5.10 10.58
C ASN A 24 14.95 4.97 9.47
N ARG A 25 14.84 3.79 8.87
CA ARG A 25 14.05 3.63 7.67
C ARG A 25 12.54 3.59 7.95
N TYR A 26 12.19 3.19 9.17
CA TYR A 26 10.80 3.08 9.57
C TYR A 26 10.43 4.14 10.60
N PRO A 27 9.26 4.77 10.42
CA PRO A 27 8.31 4.48 9.34
C PRO A 27 8.60 5.22 8.01
N ASN A 28 8.13 4.66 6.90
CA ASN A 28 8.06 5.43 5.66
C ASN A 28 6.85 4.98 4.85
N PRO A 29 6.39 5.84 3.92
CA PRO A 29 5.13 5.52 3.24
C PRO A 29 5.22 4.33 2.28
N TYR A 30 6.43 3.85 1.97
CA TYR A 30 6.56 2.72 1.06
C TYR A 30 6.53 1.36 1.78
N SER A 31 6.61 1.38 3.11
CA SER A 31 6.52 0.16 3.94
C SER A 31 5.40 0.27 4.97
N PRO A 32 4.15 0.33 4.51
CA PRO A 32 3.02 0.53 5.44
C PRO A 32 2.72 -0.72 6.26
N HIS A 33 3.31 -1.85 5.90
CA HIS A 33 3.07 -3.10 6.61
C HIS A 33 4.03 -3.35 7.77
N VAL A 34 4.99 -2.46 7.99
CA VAL A 34 5.88 -2.60 9.15
C VAL A 34 5.21 -1.99 10.37
N LEU A 35 4.84 -2.83 11.33
CA LEU A 35 4.08 -2.40 12.48
C LEU A 35 4.98 -1.87 13.58
N SER A 36 6.18 -2.43 13.67
CA SER A 36 7.12 -2.04 14.72
C SER A 36 8.52 -2.52 14.40
N ILE A 37 9.50 -1.91 15.05
CA ILE A 37 10.86 -2.43 14.99
C ILE A 37 11.52 -2.12 16.32
N ASP A 38 12.39 -3.01 16.76
CA ASP A 38 13.07 -2.86 18.05
C ASP A 38 14.51 -3.24 17.89
N THR A 39 15.39 -2.61 18.66
CA THR A 39 16.78 -3.02 18.70
C THR A 39 16.97 -4.01 19.82
N ILE A 40 17.47 -5.21 19.49
CA ILE A 40 17.63 -6.29 20.45
C ILE A 40 19.04 -6.30 21.05
N SER A 41 20.04 -6.02 20.22
CA SER A 41 21.41 -5.94 20.69
C SER A 41 22.17 -4.94 19.82
N ARG A 42 23.16 -4.28 20.42
CA ARG A 42 24.05 -3.38 19.68
C ARG A 42 25.36 -3.21 20.44
N ASN A 43 26.48 -3.45 19.79
CA ASN A 43 27.77 -3.26 20.41
C ASN A 43 28.85 -3.07 19.36
N VAL A 44 29.94 -2.42 19.74
CA VAL A 44 31.09 -2.28 18.86
C VAL A 44 32.01 -3.47 19.11
N ASP A 45 32.48 -4.11 18.05
CA ASP A 45 33.24 -5.33 18.25
C ASP A 45 34.74 -5.10 18.30
N GLN A 46 35.45 -6.22 18.46
CA GLN A 46 36.90 -6.33 18.43
C GLN A 46 37.59 -5.47 17.36
N GLU A 47 37.03 -5.42 16.17
CA GLU A 47 37.65 -4.70 15.04
C GLU A 47 37.12 -3.28 14.89
N GLY A 48 36.26 -2.86 15.80
CA GLY A 48 35.70 -1.51 15.74
C GLY A 48 34.47 -1.38 14.87
N ASN A 49 33.85 -2.52 14.52
CA ASN A 49 32.65 -2.50 13.68
C ASN A 49 31.38 -2.52 14.51
N LEU A 50 30.33 -1.87 14.01
CA LEU A 50 29.08 -1.79 14.76
C LEU A 50 28.19 -2.98 14.43
N ARG A 51 27.84 -3.74 15.47
CA ARG A 51 27.00 -4.94 15.31
C ARG A 51 25.62 -4.72 15.92
N THR A 52 24.58 -4.82 15.10
CA THR A 52 23.23 -4.52 15.54
C THR A 52 22.30 -5.67 15.15
N THR A 53 21.49 -6.13 16.09
CA THR A 53 20.39 -7.02 15.76
C THR A 53 19.07 -6.33 16.10
N ARG A 54 18.16 -6.31 15.14
CA ARG A 54 16.87 -5.69 15.34
C ARG A 54 15.75 -6.69 15.06
N LEU A 55 14.56 -6.40 15.58
CA LEU A 55 13.39 -7.26 15.42
C LEU A 55 12.22 -6.44 14.88
N LEU A 56 11.70 -6.85 13.73
CA LEU A 56 10.57 -6.15 13.10
C LEU A 56 9.33 -7.03 13.12
N LYS A 57 8.15 -6.41 13.25
CA LYS A 57 6.88 -7.10 13.08
C LYS A 57 6.20 -6.55 11.82
N LYS A 58 5.75 -7.45 10.93
CA LYS A 58 5.17 -7.01 9.68
C LYS A 58 3.83 -7.73 9.41
N SER A 59 2.83 -6.98 8.97
CA SER A 59 1.55 -7.58 8.65
C SER A 59 1.54 -8.00 7.19
N GLY A 60 0.58 -8.82 6.81
CA GLY A 60 0.53 -9.29 5.44
C GLY A 60 -0.68 -10.13 5.18
N LYS A 61 -0.76 -10.64 3.95
CA LYS A 61 -1.88 -11.46 3.57
C LYS A 61 -1.51 -12.43 2.47
N LEU A 62 -1.95 -13.67 2.61
CA LEU A 62 -1.70 -14.68 1.61
C LEU A 62 -2.57 -14.45 0.39
N PRO A 63 -2.05 -14.78 -0.81
CA PRO A 63 -2.93 -14.75 -1.98
C PRO A 63 -4.06 -15.78 -1.84
N THR A 64 -5.20 -15.52 -2.45
CA THR A 64 -6.39 -16.34 -2.23
C THR A 64 -6.20 -17.81 -2.61
N TRP A 65 -5.37 -18.09 -3.61
CA TRP A 65 -5.28 -19.45 -4.14
C TRP A 65 -4.62 -20.44 -3.16
N VAL A 66 -3.89 -19.94 -2.16
CA VAL A 66 -3.25 -20.83 -1.20
C VAL A 66 -4.19 -21.28 -0.09
N LYS A 67 -5.44 -20.82 -0.15
CA LYS A 67 -6.47 -21.17 0.84
C LYS A 67 -6.61 -22.68 1.20
N PRO A 68 -6.53 -23.60 0.22
CA PRO A 68 -6.80 -24.96 0.67
C PRO A 68 -5.57 -25.62 1.28
N PHE A 69 -4.45 -24.92 1.24
CA PHE A 69 -3.18 -25.50 1.66
C PHE A 69 -2.75 -24.89 2.97
N LEU A 70 -2.96 -23.59 3.04
CA LEU A 70 -2.48 -22.83 4.17
C LEU A 70 -3.61 -22.08 4.80
N ARG A 71 -3.62 -22.22 6.10
CA ARG A 71 -4.36 -21.36 6.97
C ARG A 71 -3.96 -19.86 6.90
N GLY A 72 -4.80 -19.01 7.49
CA GLY A 72 -4.57 -17.58 7.58
C GLY A 72 -3.28 -17.19 8.27
N ILE A 73 -2.37 -16.59 7.51
CA ILE A 73 -1.18 -15.94 8.04
C ILE A 73 -1.28 -14.45 7.78
N THR A 74 -1.28 -13.63 8.83
CA THR A 74 -1.42 -12.19 8.61
C THR A 74 -0.33 -11.33 9.26
N GLU A 75 0.59 -11.96 9.99
CA GLU A 75 1.70 -11.26 10.63
C GLU A 75 2.95 -12.12 10.62
N THR A 76 4.11 -11.48 10.52
CA THR A 76 5.34 -12.23 10.55
C THR A 76 6.40 -11.47 11.36
N TRP A 77 7.27 -12.19 12.05
CA TRP A 77 8.42 -11.56 12.74
C TRP A 77 9.66 -11.69 11.86
N ILE A 78 10.43 -10.62 11.77
CA ILE A 78 11.64 -10.63 10.97
C ILE A 78 12.86 -10.21 11.79
N ILE A 79 13.93 -10.99 11.72
CA ILE A 79 15.19 -10.57 12.33
C ILE A 79 16.02 -9.81 11.29
N GLU A 80 16.71 -8.79 11.77
CA GLU A 80 17.54 -7.95 10.93
C GLU A 80 18.89 -7.74 11.61
N VAL A 81 19.94 -8.19 10.94
CA VAL A 81 21.27 -8.24 11.50
C VAL A 81 22.16 -7.39 10.60
N SER A 82 22.98 -6.54 11.18
CA SER A 82 23.81 -5.65 10.37
C SER A 82 25.18 -5.44 11.00
N VAL A 83 26.15 -5.16 10.15
CA VAL A 83 27.49 -4.81 10.60
C VAL A 83 27.94 -3.56 9.84
N VAL A 84 28.31 -2.52 10.56
CA VAL A 84 28.85 -1.31 9.93
C VAL A 84 30.36 -1.23 10.17
N ASN A 85 31.10 -1.15 9.07
CA ASN A 85 32.55 -0.95 9.12
C ASN A 85 32.89 0.47 8.66
N PRO A 86 33.11 1.38 9.62
CA PRO A 86 33.37 2.80 9.30
C PRO A 86 34.73 3.04 8.65
N ALA A 87 35.66 2.11 8.83
CA ALA A 87 36.98 2.26 8.24
C ALA A 87 36.92 1.98 6.75
N ASN A 88 36.10 1.01 6.37
CA ASN A 88 35.92 0.61 4.97
C ASN A 88 34.72 1.25 4.29
N SER A 89 33.83 1.87 5.07
CA SER A 89 32.56 2.40 4.57
C SER A 89 31.74 1.29 3.92
N THR A 90 31.59 0.21 4.68
CA THR A 90 30.78 -0.94 4.27
C THR A 90 29.72 -1.19 5.31
N MET A 91 28.51 -1.49 4.88
CA MET A 91 27.49 -1.98 5.79
C MET A 91 26.92 -3.28 5.23
N LYS A 92 27.00 -4.36 6.00
CA LYS A 92 26.39 -5.64 5.60
C LYS A 92 25.08 -5.82 6.34
N THR A 93 24.03 -6.26 5.66
CA THR A 93 22.76 -6.48 6.34
C THR A 93 22.18 -7.84 5.91
N TYR A 94 21.43 -8.44 6.84
CA TYR A 94 20.79 -9.73 6.64
C TYR A 94 19.43 -9.67 7.28
N THR A 95 18.41 -10.19 6.60
CA THR A 95 17.10 -10.35 7.22
C THR A 95 16.50 -11.71 6.87
N ARG A 96 15.68 -12.25 7.78
CA ARG A 96 14.89 -13.43 7.47
C ARG A 96 13.67 -13.50 8.37
N ASN A 97 12.62 -14.19 7.92
CA ASN A 97 11.49 -14.38 8.81
C ASN A 97 11.89 -15.35 9.91
N LEU A 98 11.38 -15.08 11.11
CA LEU A 98 11.56 -15.92 12.28
C LEU A 98 10.49 -17.00 12.41
N ASP A 99 9.25 -16.67 12.03
CA ASP A 99 8.15 -17.65 12.04
C ASP A 99 7.69 -18.00 10.62
N HIS A 100 6.88 -19.05 10.53
CA HIS A 100 6.36 -19.60 9.26
C HIS A 100 7.47 -20.17 8.39
N THR A 101 8.62 -20.44 9.01
CA THR A 101 9.81 -20.88 8.26
C THR A 101 9.59 -22.31 7.68
N GLY A 102 8.75 -23.10 8.33
CA GLY A 102 8.38 -24.40 7.79
C GLY A 102 7.61 -24.32 6.47
N ILE A 103 6.89 -23.22 6.27
CA ILE A 103 6.17 -22.97 5.02
C ILE A 103 7.04 -22.34 3.95
N MET A 104 7.75 -21.28 4.32
CA MET A 104 8.64 -20.58 3.40
C MET A 104 9.67 -19.81 4.22
N LYS A 105 10.95 -19.92 3.86
CA LYS A 105 11.98 -19.09 4.50
C LYS A 105 12.53 -18.10 3.46
N VAL A 106 12.54 -16.81 3.80
CA VAL A 106 12.99 -15.81 2.85
C VAL A 106 14.14 -15.07 3.49
N GLU A 107 15.31 -15.24 2.89
CA GLU A 107 16.52 -14.66 3.46
C GLU A 107 17.09 -13.64 2.51
N GLU A 108 17.48 -12.50 3.06
CA GLU A 108 18.01 -11.44 2.23
C GLU A 108 19.34 -10.94 2.74
N TYR A 109 20.34 -10.93 1.86
CA TYR A 109 21.61 -10.25 2.15
C TYR A 109 21.69 -9.01 1.31
N THR A 110 21.89 -7.85 1.94
CA THR A 110 22.12 -6.61 1.20
C THR A 110 23.34 -5.90 1.74
N THR A 111 24.28 -5.59 0.85
CA THR A 111 25.49 -4.91 1.24
C THR A 111 25.53 -3.51 0.64
N TYR A 112 25.83 -2.54 1.48
CA TYR A 112 26.01 -1.16 1.05
C TYR A 112 27.49 -0.82 1.08
N GLN A 113 28.03 -0.42 -0.06
CA GLN A 113 29.46 -0.12 -0.15
C GLN A 113 29.67 1.25 -0.80
N PHE A 114 30.35 2.14 -0.10
CA PHE A 114 30.65 3.42 -0.71
C PHE A 114 31.76 3.24 -1.72
N ASP A 115 31.57 3.81 -2.90
CA ASP A 115 32.62 3.82 -3.91
C ASP A 115 33.11 5.25 -4.12
N SER A 116 34.29 5.56 -3.63
CA SER A 116 34.78 6.95 -3.63
C SER A 116 35.05 7.47 -5.04
N ALA A 117 35.48 6.60 -5.93
CA ALA A 117 35.75 6.99 -7.31
C ALA A 117 34.49 7.53 -7.98
N THR A 118 33.33 7.15 -7.47
CA THR A 118 32.08 7.64 -8.05
C THR A 118 31.21 8.39 -7.04
N SER A 119 31.72 8.56 -5.81
CA SER A 119 31.00 9.30 -4.77
C SER A 119 29.57 8.81 -4.60
N SER A 120 29.41 7.48 -4.65
CA SER A 120 28.09 6.87 -4.55
C SER A 120 28.15 5.63 -3.68
N THR A 121 27.00 5.25 -3.15
CA THR A 121 26.92 4.06 -2.33
C THR A 121 26.15 3.02 -3.15
N ILE A 122 26.83 1.92 -3.46
CA ILE A 122 26.25 0.83 -4.22
C ILE A 122 25.62 -0.22 -3.29
N ALA A 123 24.38 -0.63 -3.59
CA ALA A 123 23.67 -1.62 -2.79
C ALA A 123 23.47 -2.89 -3.59
N ASP A 124 24.10 -3.99 -3.17
CA ASP A 124 23.92 -5.30 -3.84
C ASP A 124 23.01 -6.15 -2.98
N SER A 125 21.98 -6.74 -3.59
CA SER A 125 21.03 -7.55 -2.82
C SER A 125 20.98 -8.97 -3.38
N ARG A 126 20.97 -9.96 -2.51
CA ARG A 126 20.63 -11.33 -2.92
C ARG A 126 19.60 -11.88 -1.97
N VAL A 127 18.57 -12.51 -2.54
CA VAL A 127 17.47 -13.01 -1.75
C VAL A 127 17.23 -14.47 -2.08
N LYS A 128 17.19 -15.30 -1.04
CA LYS A 128 16.94 -16.72 -1.22
C LYS A 128 15.59 -17.11 -0.61
N PHE A 129 14.76 -17.75 -1.42
CA PHE A 129 13.50 -18.33 -0.97
C PHE A 129 13.68 -19.84 -0.83
N SER A 130 13.43 -20.40 0.35
CA SER A 130 13.64 -21.83 0.60
C SER A 130 12.41 -22.46 1.20
N SER A 131 11.99 -23.59 0.65
CA SER A 131 10.93 -24.37 1.29
C SER A 131 11.03 -25.85 0.95
N GLY A 132 10.83 -26.68 1.98
CA GLY A 132 10.74 -28.12 1.82
C GLY A 132 9.31 -28.60 2.06
N PHE A 133 8.44 -27.65 2.38
CA PHE A 133 7.05 -27.95 2.56
C PHE A 133 6.43 -27.53 1.27
N ASN A 134 6.12 -28.49 0.46
CA ASN A 134 5.59 -28.21 -0.82
C ASN A 134 4.08 -27.96 -0.74
N MET A 135 3.63 -26.83 -0.22
CA MET A 135 2.32 -26.29 -0.63
C MET A 135 2.23 -24.83 -1.22
N GLY A 136 1.83 -24.64 -2.50
CA GLY A 136 0.97 -25.46 -3.40
C GLY A 136 1.33 -26.14 -4.76
N ILE A 137 1.18 -25.51 -5.94
CA ILE A 137 1.87 -25.94 -7.18
C ILE A 137 3.07 -25.09 -7.41
N LYS A 138 4.13 -25.77 -7.72
CA LYS A 138 5.47 -25.19 -7.73
C LYS A 138 5.59 -23.91 -8.54
N SER A 139 5.07 -23.88 -9.76
CA SER A 139 5.25 -22.69 -10.60
C SER A 139 4.49 -21.48 -10.05
N LYS A 140 3.39 -21.71 -9.33
CA LYS A 140 2.66 -20.60 -8.71
C LYS A 140 3.42 -20.05 -7.51
N VAL A 141 4.12 -20.92 -6.80
CA VAL A 141 4.93 -20.46 -5.67
C VAL A 141 6.11 -19.65 -6.23
N GLU A 142 6.63 -20.09 -7.37
CA GLU A 142 7.77 -19.40 -8.01
C GLU A 142 7.36 -18.02 -8.48
N ASP A 143 6.21 -17.96 -9.17
CA ASP A 143 5.63 -16.69 -9.56
C ASP A 143 5.50 -15.76 -8.35
N TRP A 144 4.99 -16.32 -7.25
CA TRP A 144 4.79 -15.53 -6.03
C TRP A 144 6.12 -14.94 -5.56
N SER A 145 7.16 -15.77 -5.62
CA SER A 145 8.50 -15.37 -5.21
C SER A 145 9.07 -14.24 -6.09
N ARG A 146 8.84 -14.32 -7.40
CA ARG A 146 9.35 -13.29 -8.30
C ARG A 146 8.63 -11.99 -8.03
N THR A 147 7.32 -12.08 -7.89
CA THR A 147 6.49 -10.92 -7.55
C THR A 147 6.94 -10.28 -6.24
N LYS A 148 7.21 -11.11 -5.24
CA LYS A 148 7.55 -10.62 -3.91
C LYS A 148 8.92 -9.96 -3.91
N PHE A 149 9.85 -10.57 -4.63
CA PHE A 149 11.20 -10.05 -4.72
C PHE A 149 11.16 -8.67 -5.35
N ASP A 150 10.42 -8.54 -6.44
CA ASP A 150 10.36 -7.29 -7.21
C ASP A 150 9.73 -6.19 -6.38
N GLU A 151 8.65 -6.54 -5.68
CA GLU A 151 7.97 -5.59 -4.80
C GLU A 151 8.92 -5.06 -3.71
N ASN A 152 9.62 -5.98 -3.05
CA ASN A 152 10.59 -5.63 -2.02
C ASN A 152 11.78 -4.82 -2.52
N VAL A 153 12.27 -5.12 -3.72
CA VAL A 153 13.36 -4.35 -4.31
C VAL A 153 12.97 -2.88 -4.36
N LYS A 154 11.76 -2.64 -4.86
CA LYS A 154 11.26 -1.28 -5.03
C LYS A 154 10.91 -0.62 -3.70
N LYS A 155 10.21 -1.34 -2.83
CA LYS A 155 9.87 -0.78 -1.52
C LYS A 155 11.10 -0.42 -0.72
N SER A 156 12.11 -1.27 -0.78
CA SER A 156 13.31 -1.03 -0.04
C SER A 156 14.01 0.25 -0.49
N ARG A 157 14.21 0.36 -1.80
CA ARG A 157 14.99 1.51 -2.32
C ARG A 157 14.20 2.83 -2.28
N MET A 158 12.88 2.74 -2.44
CA MET A 158 12.04 3.94 -2.37
C MET A 158 11.98 4.45 -0.93
N GLY A 159 11.89 3.54 0.02
CA GLY A 159 11.85 3.89 1.43
C GLY A 159 13.16 4.53 1.86
N MET A 160 14.25 3.91 1.44
CA MET A 160 15.58 4.42 1.76
C MET A 160 15.73 5.83 1.19
N ALA A 161 15.34 6.00 -0.07
CA ALA A 161 15.47 7.30 -0.73
C ALA A 161 14.60 8.36 -0.03
N PHE A 162 13.40 7.95 0.39
CA PHE A 162 12.52 8.83 1.14
C PHE A 162 13.20 9.34 2.42
N VAL A 163 13.78 8.42 3.18
CA VAL A 163 14.37 8.75 4.45
C VAL A 163 15.69 9.55 4.30
N ILE A 164 16.52 9.22 3.31
CA ILE A 164 17.75 9.96 3.01
C ILE A 164 17.45 11.43 2.76
N GLN A 165 16.39 11.62 1.99
CA GLN A 165 15.84 12.93 1.69
C GLN A 165 15.42 13.70 2.92
N LYS A 166 14.58 13.06 3.71
CA LYS A 166 13.94 13.71 4.85
C LYS A 166 14.99 14.17 5.85
N LEU A 167 16.08 13.42 5.93
CA LEU A 167 17.18 13.74 6.82
C LEU A 167 18.06 14.82 6.19
N GLU A 168 18.06 14.88 4.86
CA GLU A 168 18.78 15.91 4.11
C GLU A 168 18.09 17.26 4.27
N GLU A 169 16.76 17.21 4.27
CA GLU A 169 15.92 18.40 4.43
C GLU A 169 15.78 18.80 5.90
N ALA A 170 16.46 18.07 6.79
CA ALA A 170 16.34 18.26 8.24
C ALA A 170 14.90 18.17 8.70
N MET B 1 -23.90 -15.12 -21.34
CA MET B 1 -23.58 -14.23 -22.45
C MET B 1 -22.82 -12.98 -22.00
N VAL B 2 -22.06 -12.42 -22.93
CA VAL B 2 -21.19 -11.28 -22.63
C VAL B 2 -21.32 -10.22 -23.72
N LEU B 3 -21.62 -8.99 -23.31
CA LEU B 3 -21.77 -7.86 -24.24
C LEU B 3 -20.73 -6.79 -23.93
N LEU B 4 -20.08 -6.29 -24.97
CA LEU B 4 -19.02 -5.30 -24.79
C LEU B 4 -19.42 -3.99 -25.47
N HIS B 5 -19.24 -2.88 -24.75
CA HIS B 5 -19.50 -1.56 -25.32
C HIS B 5 -18.29 -0.68 -25.05
N LYS B 6 -17.97 0.19 -26.02
CA LYS B 6 -16.80 1.06 -25.91
C LYS B 6 -17.16 2.49 -26.23
N SER B 7 -16.47 3.43 -25.58
CA SER B 7 -16.63 4.84 -25.91
C SER B 7 -15.37 5.60 -25.58
N THR B 8 -15.12 6.70 -26.29
CA THR B 8 -14.03 7.61 -25.95
C THR B 8 -14.56 9.03 -25.82
N HIS B 9 -13.96 9.80 -24.92
CA HIS B 9 -14.29 11.20 -24.77
C HIS B 9 -13.04 12.00 -24.51
N ILE B 10 -12.98 13.23 -25.03
CA ILE B 10 -11.85 14.11 -24.77
C ILE B 10 -12.25 15.21 -23.81
N PHE B 11 -11.58 15.29 -22.67
CA PHE B 11 -11.68 16.45 -21.79
C PHE B 11 -10.58 17.46 -22.15
N PRO B 12 -10.97 18.68 -22.55
CA PRO B 12 -9.96 19.69 -22.91
C PRO B 12 -9.40 20.41 -21.68
N THR B 13 -8.96 19.65 -20.68
CA THR B 13 -8.30 20.20 -19.50
C THR B 13 -7.19 19.27 -19.02
N ASP B 14 -6.43 19.73 -18.04
CA ASP B 14 -5.22 19.02 -17.65
C ASP B 14 -5.54 17.85 -16.71
N PHE B 15 -4.54 17.00 -16.52
CA PHE B 15 -4.72 15.80 -15.74
C PHE B 15 -5.09 16.09 -14.27
N ALA B 16 -4.50 17.12 -13.69
CA ALA B 16 -4.81 17.44 -12.30
C ALA B 16 -6.29 17.77 -12.15
N SER B 17 -6.85 18.49 -13.10
CA SER B 17 -8.25 18.86 -12.99
C SER B 17 -9.18 17.66 -13.19
N VAL B 18 -8.87 16.81 -14.17
CA VAL B 18 -9.75 15.68 -14.45
C VAL B 18 -9.67 14.64 -13.34
N SER B 19 -8.47 14.36 -12.84
CA SER B 19 -8.30 13.38 -11.77
C SER B 19 -8.95 13.89 -10.48
N ARG B 20 -8.76 15.16 -10.14
CA ARG B 20 -9.42 15.72 -8.96
C ARG B 20 -10.94 15.62 -9.04
N ALA B 21 -11.50 15.93 -10.21
CA ALA B 21 -12.93 15.81 -10.42
C ALA B 21 -13.42 14.38 -10.25
N PHE B 22 -12.64 13.42 -10.70
CA PHE B 22 -13.03 12.01 -10.55
C PHE B 22 -13.21 11.69 -9.07
N PHE B 23 -12.26 12.11 -8.25
CA PHE B 23 -12.35 11.85 -6.82
C PHE B 23 -13.49 12.61 -6.14
N ASN B 24 -13.94 13.71 -6.75
CA ASN B 24 -15.02 14.52 -6.18
C ASN B 24 -16.27 14.63 -7.05
N ARG B 25 -16.58 13.61 -7.85
CA ARG B 25 -17.65 13.79 -8.83
C ARG B 25 -19.06 13.69 -8.24
N TYR B 26 -19.18 13.22 -6.99
CA TYR B 26 -20.46 13.17 -6.30
C TYR B 26 -20.50 14.12 -5.10
N PRO B 27 -21.63 14.82 -4.91
CA PRO B 27 -22.81 14.72 -5.77
C PRO B 27 -22.71 15.59 -7.00
N ASN B 28 -23.42 15.25 -8.06
CA ASN B 28 -23.60 16.18 -9.16
C ASN B 28 -24.99 15.96 -9.75
N PRO B 29 -25.54 16.96 -10.45
CA PRO B 29 -26.95 16.82 -10.86
C PRO B 29 -27.19 15.72 -11.89
N TYR B 30 -26.14 15.20 -12.52
CA TYR B 30 -26.33 14.16 -13.51
C TYR B 30 -26.29 12.74 -12.93
N SER B 31 -25.98 12.62 -11.64
CA SER B 31 -26.01 11.32 -10.98
C SER B 31 -26.90 11.32 -9.74
N PRO B 32 -28.22 11.51 -9.93
CA PRO B 32 -29.14 11.65 -8.80
C PRO B 32 -29.42 10.35 -8.07
N HIS B 33 -29.04 9.22 -8.67
CA HIS B 33 -29.24 7.92 -8.02
C HIS B 33 -28.09 7.50 -7.09
N VAL B 34 -27.00 8.25 -7.10
CA VAL B 34 -25.88 7.92 -6.22
C VAL B 34 -26.20 8.42 -4.82
N LEU B 35 -26.34 7.50 -3.88
CA LEU B 35 -26.78 7.82 -2.51
C LEU B 35 -25.62 8.13 -1.58
N SER B 36 -24.48 7.49 -1.81
CA SER B 36 -23.33 7.66 -0.94
C SER B 36 -22.07 7.17 -1.63
N ILE B 37 -20.93 7.62 -1.13
CA ILE B 37 -19.66 7.07 -1.55
C ILE B 37 -18.72 7.17 -0.37
N ASP B 38 -17.93 6.12 -0.17
CA ASP B 38 -16.98 6.06 0.92
C ASP B 38 -15.63 5.60 0.41
N THR B 39 -14.56 6.04 1.04
CA THR B 39 -13.25 5.57 0.70
C THR B 39 -12.88 4.41 1.60
N ILE B 40 -12.58 3.27 1.00
CA ILE B 40 -12.37 2.03 1.76
C ILE B 40 -10.89 1.81 2.05
N SER B 41 -10.03 2.08 1.07
CA SER B 41 -8.59 2.04 1.30
C SER B 41 -7.90 3.06 0.38
N ARG B 42 -6.75 3.55 0.81
CA ARG B 42 -5.95 4.43 -0.04
C ARG B 42 -4.50 4.45 0.42
N ASN B 43 -3.59 4.25 -0.53
CA ASN B 43 -2.17 4.29 -0.24
C ASN B 43 -1.34 4.51 -1.50
N VAL B 44 -0.12 4.98 -1.32
CA VAL B 44 0.87 5.10 -2.39
C VAL B 44 1.62 3.77 -2.46
N ASP B 45 1.77 3.20 -3.65
CA ASP B 45 2.43 1.89 -3.73
C ASP B 45 3.90 2.03 -4.07
N GLN B 46 4.58 0.90 -4.26
CA GLN B 46 6.03 0.89 -4.47
C GLN B 46 6.44 1.52 -5.79
N GLU B 47 5.49 1.76 -6.69
CA GLU B 47 5.79 2.47 -7.94
C GLU B 47 5.62 3.98 -7.78
N GLY B 48 5.11 4.41 -6.63
CA GLY B 48 4.78 5.81 -6.44
C GLY B 48 3.40 6.19 -6.93
N ASN B 49 2.57 5.19 -7.21
CA ASN B 49 1.21 5.41 -7.69
C ASN B 49 0.17 5.41 -6.56
N LEU B 50 -0.87 6.23 -6.71
CA LEU B 50 -1.91 6.27 -5.69
C LEU B 50 -2.97 5.19 -5.94
N ARG B 51 -3.13 4.28 -4.98
CA ARG B 51 -4.15 3.23 -5.09
C ARG B 51 -5.36 3.55 -4.21
N THR B 52 -6.55 3.63 -4.78
CA THR B 52 -7.75 3.89 -3.98
C THR B 52 -8.84 2.88 -4.30
N THR B 53 -9.49 2.39 -3.24
CA THR B 53 -10.71 1.60 -3.38
C THR B 53 -11.86 2.33 -2.68
N ARG B 54 -12.96 2.52 -3.40
CA ARG B 54 -14.11 3.23 -2.86
C ARG B 54 -15.39 2.41 -3.02
N LEU B 55 -16.41 2.74 -2.22
CA LEU B 55 -17.65 1.96 -2.17
C LEU B 55 -18.82 2.90 -2.34
N LEU B 56 -19.62 2.65 -3.37
CA LEU B 56 -20.77 3.49 -3.69
C LEU B 56 -22.08 2.74 -3.49
N LYS B 57 -23.11 3.46 -3.06
CA LYS B 57 -24.46 2.92 -3.05
C LYS B 57 -25.31 3.67 -4.06
N LYS B 58 -26.02 2.93 -4.91
CA LYS B 58 -26.83 3.56 -5.97
C LYS B 58 -28.25 2.98 -5.99
N SER B 59 -29.25 3.83 -6.15
CA SER B 59 -30.62 3.35 -6.29
C SER B 59 -30.94 3.07 -7.74
N GLY B 60 -31.97 2.28 -8.00
CA GLY B 60 -32.37 1.99 -9.36
C GLY B 60 -33.68 1.22 -9.42
N LYS B 61 -34.20 1.01 -10.63
CA LYS B 61 -35.40 0.20 -10.79
C LYS B 61 -35.23 -0.75 -11.98
N LEU B 62 -35.71 -1.98 -11.83
CA LEU B 62 -35.64 -2.97 -12.90
C LEU B 62 -36.60 -2.57 -14.03
N PRO B 63 -36.36 -3.10 -15.25
CA PRO B 63 -37.38 -2.93 -16.29
C PRO B 63 -38.65 -3.68 -15.90
N THR B 64 -39.81 -3.18 -16.30
CA THR B 64 -41.08 -3.71 -15.80
C THR B 64 -41.36 -5.15 -16.24
N TRP B 65 -40.75 -5.58 -17.35
CA TRP B 65 -41.00 -6.93 -17.86
C TRP B 65 -40.33 -7.98 -17.00
N VAL B 66 -39.29 -7.57 -16.27
CA VAL B 66 -38.53 -8.47 -15.41
C VAL B 66 -39.09 -8.58 -14.00
N LYS B 67 -39.80 -7.55 -13.57
CA LYS B 67 -40.22 -7.40 -12.18
C LYS B 67 -41.06 -8.56 -11.59
N PRO B 68 -41.94 -9.19 -12.40
CA PRO B 68 -42.64 -10.34 -11.82
C PRO B 68 -41.71 -11.52 -11.51
N PHE B 69 -40.57 -11.56 -12.18
CA PHE B 69 -39.69 -12.71 -12.09
C PHE B 69 -38.48 -12.43 -11.21
N LEU B 70 -38.19 -11.17 -10.95
CA LEU B 70 -37.14 -10.89 -9.99
C LEU B 70 -37.60 -10.23 -8.69
N ARG B 71 -37.05 -10.67 -7.58
CA ARG B 71 -37.41 -10.09 -6.30
C ARG B 71 -36.97 -8.64 -6.37
N GLY B 72 -37.61 -7.78 -5.62
CA GLY B 72 -37.36 -6.37 -5.78
C GLY B 72 -35.92 -6.00 -5.51
N ILE B 73 -35.36 -5.32 -6.48
CA ILE B 73 -34.04 -4.78 -6.38
C ILE B 73 -34.29 -3.30 -6.53
N THR B 74 -33.94 -2.52 -5.54
CA THR B 74 -34.06 -1.08 -5.64
C THR B 74 -32.77 -0.34 -5.40
N GLU B 75 -31.72 -1.05 -5.03
CA GLU B 75 -30.41 -0.43 -4.85
C GLU B 75 -29.28 -1.44 -5.03
N THR B 76 -28.10 -0.93 -5.38
CA THR B 76 -26.94 -1.79 -5.58
C THR B 76 -25.70 -1.16 -4.92
N TRP B 77 -24.77 -2.01 -4.52
CA TRP B 77 -23.47 -1.57 -4.04
C TRP B 77 -22.48 -1.69 -5.18
N ILE B 78 -21.62 -0.69 -5.33
CA ILE B 78 -20.64 -0.64 -6.41
C ILE B 78 -19.22 -0.42 -5.88
N ILE B 79 -18.27 -1.23 -6.31
CA ILE B 79 -16.89 -0.99 -5.90
C ILE B 79 -16.20 -0.15 -6.98
N GLU B 80 -15.36 0.76 -6.55
CA GLU B 80 -14.65 1.61 -7.51
C GLU B 80 -13.17 1.58 -7.15
N VAL B 81 -12.34 1.11 -8.06
CA VAL B 81 -10.92 0.91 -7.79
C VAL B 81 -10.15 1.79 -8.76
N SER B 82 -9.09 2.45 -8.31
CA SER B 82 -8.37 3.34 -9.23
C SER B 82 -6.87 3.39 -8.92
N VAL B 83 -6.11 3.76 -9.95
CA VAL B 83 -4.67 3.94 -9.83
C VAL B 83 -4.30 5.26 -10.52
N VAL B 84 -3.65 6.17 -9.78
CA VAL B 84 -3.15 7.41 -10.38
C VAL B 84 -1.64 7.36 -10.49
N ASN B 85 -1.13 7.53 -11.71
CA ASN B 85 0.29 7.59 -11.97
C ASN B 85 0.63 9.04 -12.28
N PRO B 86 1.13 9.77 -11.28
CA PRO B 86 1.40 11.20 -11.44
C PRO B 86 2.62 11.46 -12.34
N ALA B 87 3.45 10.44 -12.51
CA ALA B 87 4.61 10.52 -13.38
C ALA B 87 4.20 10.52 -14.84
N ASN B 88 3.31 9.60 -15.20
CA ASN B 88 2.83 9.48 -16.58
C ASN B 88 1.53 10.24 -16.86
N SER B 89 0.96 10.87 -15.85
CA SER B 89 -0.33 11.55 -15.96
C SER B 89 -1.38 10.58 -16.50
N THR B 90 -1.49 9.43 -15.83
CA THR B 90 -2.46 8.41 -16.20
C THR B 90 -3.33 8.08 -15.00
N MET B 91 -4.60 7.78 -15.25
CA MET B 91 -5.48 7.30 -14.20
C MET B 91 -6.34 6.18 -14.78
N LYS B 92 -6.22 4.98 -14.23
CA LYS B 92 -7.06 3.86 -14.62
C LYS B 92 -8.13 3.65 -13.57
N THR B 93 -9.34 3.33 -14.01
CA THR B 93 -10.44 3.14 -13.07
C THR B 93 -11.23 1.91 -13.46
N TYR B 94 -11.85 1.30 -12.46
CA TYR B 94 -12.64 0.09 -12.63
C TYR B 94 -13.81 0.12 -11.67
N THR B 95 -15.02 -0.16 -12.17
CA THR B 95 -16.16 -0.30 -11.27
C THR B 95 -16.92 -1.59 -11.58
N ARG B 96 -17.56 -2.17 -10.57
CA ARG B 96 -18.55 -3.22 -10.83
C ARG B 96 -19.57 -3.28 -9.71
N ASN B 97 -20.77 -3.80 -9.98
CA ASN B 97 -21.72 -4.03 -8.89
C ASN B 97 -21.16 -5.16 -8.03
N LEU B 98 -21.39 -5.04 -6.73
CA LEU B 98 -20.98 -6.04 -5.75
C LEU B 98 -22.08 -7.06 -5.51
N ASP B 99 -23.32 -6.59 -5.57
CA ASP B 99 -24.48 -7.46 -5.37
C ASP B 99 -25.26 -7.62 -6.67
N HIS B 100 -26.19 -8.59 -6.68
CA HIS B 100 -27.00 -8.94 -7.85
C HIS B 100 -26.19 -9.48 -9.03
N THR B 101 -24.96 -9.93 -8.80
CA THR B 101 -24.12 -10.38 -9.91
C THR B 101 -24.62 -11.69 -10.52
N GLY B 102 -25.45 -12.43 -9.78
CA GLY B 102 -26.04 -13.65 -10.33
C GLY B 102 -27.08 -13.34 -11.40
N ILE B 103 -27.60 -12.13 -11.37
CA ILE B 103 -28.52 -11.63 -12.39
C ILE B 103 -27.79 -10.90 -13.53
N MET B 104 -26.97 -9.94 -13.17
CA MET B 104 -26.25 -9.14 -14.17
C MET B 104 -25.00 -8.62 -13.54
N LYS B 105 -23.88 -8.75 -14.23
CA LYS B 105 -22.66 -8.13 -13.75
C LYS B 105 -22.22 -7.08 -14.76
N VAL B 106 -22.05 -5.84 -14.30
CA VAL B 106 -21.68 -4.74 -15.19
C VAL B 106 -20.34 -4.18 -14.76
N GLU B 107 -19.32 -4.35 -15.60
CA GLU B 107 -17.97 -3.93 -15.29
C GLU B 107 -17.55 -2.84 -16.26
N GLU B 108 -16.97 -1.78 -15.72
CA GLU B 108 -16.50 -0.68 -16.56
C GLU B 108 -15.03 -0.40 -16.31
N TYR B 109 -14.26 -0.36 -17.38
CA TYR B 109 -12.88 0.11 -17.32
C TYR B 109 -12.81 1.46 -17.99
N THR B 110 -12.34 2.47 -17.27
CA THR B 110 -12.11 3.76 -17.89
C THR B 110 -10.69 4.18 -17.59
N THR B 111 -9.98 4.59 -18.64
CA THR B 111 -8.63 5.11 -18.54
C THR B 111 -8.59 6.57 -18.94
N TYR B 112 -8.02 7.41 -18.07
CA TYR B 112 -7.79 8.81 -18.38
C TYR B 112 -6.30 9.03 -18.61
N GLN B 113 -5.97 9.61 -19.76
CA GLN B 113 -4.57 9.79 -20.12
C GLN B 113 -4.34 11.20 -20.65
N PHE B 114 -3.47 11.97 -20.02
CA PHE B 114 -3.18 13.31 -20.55
C PHE B 114 -2.36 13.17 -21.81
N ASP B 115 -2.75 13.89 -22.85
CA ASP B 115 -2.00 13.94 -24.09
C ASP B 115 -1.37 15.34 -24.28
N SER B 116 -0.05 15.40 -24.16
CA SER B 116 0.67 16.68 -24.22
C SER B 116 0.45 17.41 -25.55
N ALA B 117 0.49 16.67 -26.64
CA ALA B 117 0.40 17.26 -27.98
C ALA B 117 -0.91 18.01 -28.18
N THR B 118 -1.97 17.57 -27.50
CA THR B 118 -3.28 18.20 -27.69
C THR B 118 -3.78 18.92 -26.44
N SER B 119 -2.94 18.94 -25.40
CA SER B 119 -3.26 19.61 -24.14
C SER B 119 -4.63 19.19 -23.60
N SER B 120 -4.90 17.88 -23.64
CA SER B 120 -6.19 17.41 -23.17
C SER B 120 -6.08 16.00 -22.62
N THR B 121 -7.12 15.58 -21.90
CA THR B 121 -7.11 14.30 -21.21
C THR B 121 -8.08 13.36 -21.91
N ILE B 122 -7.56 12.26 -22.44
CA ILE B 122 -8.35 11.32 -23.21
C ILE B 122 -8.94 10.29 -22.28
N ALA B 123 -10.25 10.09 -22.35
CA ALA B 123 -10.91 9.10 -21.51
C ALA B 123 -11.46 7.98 -22.37
N ASP B 124 -10.86 6.79 -22.26
CA ASP B 124 -11.30 5.60 -23.00
C ASP B 124 -12.08 4.70 -22.08
N SER B 125 -13.32 4.36 -22.45
CA SER B 125 -14.16 3.51 -21.60
C SER B 125 -14.54 2.20 -22.30
N ARG B 126 -14.50 1.11 -21.54
CA ARG B 126 -14.94 -0.20 -22.02
C ARG B 126 -15.87 -0.80 -20.96
N VAL B 127 -17.10 -1.13 -21.34
CA VAL B 127 -18.03 -1.70 -20.39
C VAL B 127 -18.42 -3.10 -20.81
N LYS B 128 -18.35 -4.03 -19.86
CA LYS B 128 -18.71 -5.42 -20.15
C LYS B 128 -19.92 -5.83 -19.32
N PHE B 129 -20.98 -6.27 -20.00
CA PHE B 129 -22.18 -6.80 -19.35
C PHE B 129 -22.14 -8.32 -19.44
N SER B 130 -22.16 -8.97 -18.30
CA SER B 130 -22.10 -10.43 -18.20
C SER B 130 -23.34 -10.95 -17.53
N SER B 131 -24.06 -11.84 -18.21
CA SER B 131 -25.26 -12.42 -17.64
C SER B 131 -25.45 -13.87 -18.13
N GLY B 132 -25.92 -14.75 -17.26
CA GLY B 132 -26.18 -16.10 -17.68
C GLY B 132 -27.50 -16.55 -17.10
N PHE B 133 -28.07 -15.68 -16.28
CA PHE B 133 -29.31 -15.98 -15.58
C PHE B 133 -30.48 -15.98 -16.55
N ASN B 134 -31.49 -16.72 -16.23
CA ASN B 134 -32.58 -16.86 -17.12
C ASN B 134 -33.68 -15.92 -16.70
N MET B 135 -33.40 -15.02 -15.77
CA MET B 135 -34.34 -14.00 -15.44
C MET B 135 -34.57 -13.22 -16.72
N GLY B 136 -33.50 -12.95 -17.44
CA GLY B 136 -33.55 -12.36 -18.80
C GLY B 136 -33.83 -13.22 -20.07
N ILE B 137 -34.20 -12.59 -21.17
CA ILE B 137 -34.26 -13.16 -22.52
C ILE B 137 -33.41 -12.30 -23.44
N LYS B 138 -32.75 -12.98 -24.32
CA LYS B 138 -31.49 -12.52 -24.90
C LYS B 138 -31.56 -11.16 -25.53
N SER B 139 -32.46 -11.03 -26.50
CA SER B 139 -32.63 -9.77 -27.17
C SER B 139 -33.02 -8.66 -26.19
N LYS B 140 -33.84 -8.99 -25.21
CA LYS B 140 -34.29 -7.98 -24.24
C LYS B 140 -33.19 -7.57 -23.28
N VAL B 141 -32.33 -8.51 -22.93
CA VAL B 141 -31.19 -8.17 -22.08
C VAL B 141 -30.16 -7.34 -22.85
N GLU B 142 -30.00 -7.63 -24.14
CA GLU B 142 -29.13 -6.81 -24.98
C GLU B 142 -29.67 -5.37 -25.09
N ASP B 143 -31.00 -5.23 -25.14
CA ASP B 143 -31.69 -3.93 -25.17
C ASP B 143 -31.39 -3.10 -23.90
N TRP B 144 -31.57 -3.74 -22.75
CA TRP B 144 -31.36 -3.07 -21.47
C TRP B 144 -29.90 -2.64 -21.32
N SER B 145 -28.99 -3.49 -21.80
CA SER B 145 -27.56 -3.19 -21.80
C SER B 145 -27.19 -1.98 -22.66
N ARG B 146 -27.74 -1.92 -23.87
CA ARG B 146 -27.54 -0.77 -24.75
C ARG B 146 -28.00 0.54 -24.11
N THR B 147 -29.21 0.51 -23.58
CA THR B 147 -29.81 1.69 -22.95
C THR B 147 -28.95 2.18 -21.77
N LYS B 148 -28.50 1.24 -20.96
CA LYS B 148 -27.76 1.56 -19.74
C LYS B 148 -26.40 2.13 -20.08
N PHE B 149 -25.71 1.53 -21.05
CA PHE B 149 -24.43 2.05 -21.49
C PHE B 149 -24.55 3.48 -22.01
N ASP B 150 -25.53 3.70 -22.88
CA ASP B 150 -25.70 5.02 -23.50
C ASP B 150 -26.05 6.08 -22.48
N GLU B 151 -26.91 5.72 -21.55
CA GLU B 151 -27.31 6.62 -20.48
C GLU B 151 -26.13 6.95 -19.59
N ASN B 152 -25.28 5.96 -19.33
CA ASN B 152 -24.14 6.16 -18.45
C ASN B 152 -23.01 6.96 -19.10
N VAL B 153 -22.82 6.78 -20.41
CA VAL B 153 -21.85 7.59 -21.15
C VAL B 153 -22.13 9.07 -20.95
N LYS B 154 -23.39 9.45 -21.12
CA LYS B 154 -23.75 10.86 -21.03
C LYS B 154 -23.65 11.35 -19.59
N LYS B 155 -24.13 10.54 -18.64
CA LYS B 155 -24.10 10.97 -17.24
C LYS B 155 -22.69 11.16 -16.72
N SER B 156 -21.79 10.27 -17.10
CA SER B 156 -20.43 10.39 -16.61
C SER B 156 -19.74 11.61 -17.24
N ARG B 157 -19.96 11.79 -18.53
CA ARG B 157 -19.34 12.88 -19.28
C ARG B 157 -19.80 14.24 -18.77
N MET B 158 -21.12 14.40 -18.65
CA MET B 158 -21.72 15.65 -18.19
C MET B 158 -21.45 15.94 -16.72
N GLY B 159 -21.55 14.89 -15.90
CA GLY B 159 -21.21 14.99 -14.49
C GLY B 159 -19.77 15.44 -14.26
N MET B 160 -18.84 14.85 -14.99
CA MET B 160 -17.41 15.16 -14.86
C MET B 160 -17.17 16.59 -15.31
N ALA B 161 -17.81 16.96 -16.42
CA ALA B 161 -17.74 18.32 -16.94
C ALA B 161 -18.25 19.32 -15.91
N PHE B 162 -19.39 19.02 -15.31
CA PHE B 162 -19.98 19.86 -14.28
C PHE B 162 -19.00 20.15 -13.13
N VAL B 163 -18.44 19.08 -12.57
CA VAL B 163 -17.57 19.20 -11.40
C VAL B 163 -16.24 19.88 -11.74
N ILE B 164 -15.74 19.65 -12.92
CA ILE B 164 -14.55 20.31 -13.41
C ILE B 164 -14.75 21.83 -13.40
N GLN B 165 -15.88 22.27 -13.92
CA GLN B 165 -16.21 23.68 -13.93
C GLN B 165 -16.37 24.21 -12.56
N LYS B 166 -17.05 23.49 -11.70
CA LYS B 166 -17.26 23.91 -10.36
C LYS B 166 -15.97 24.04 -9.55
N LEU B 167 -15.09 23.07 -9.69
CA LEU B 167 -13.80 23.15 -9.05
C LEU B 167 -13.01 24.33 -9.59
N GLU B 168 -13.04 24.55 -10.89
CA GLU B 168 -12.30 25.66 -11.45
C GLU B 168 -12.81 26.98 -10.95
N GLU B 169 -14.12 27.07 -10.80
CA GLU B 169 -14.80 28.22 -10.26
C GLU B 169 -14.44 28.46 -8.82
N ALA B 170 -14.27 27.41 -8.05
CA ALA B 170 -13.72 27.53 -6.74
C ALA B 170 -12.47 28.45 -6.76
N SER C 1 -21.82 15.45 0.20
CA SER C 1 -21.69 14.03 -0.14
C SER C 1 -21.76 13.13 1.10
N ALA C 2 -22.71 12.20 1.12
CA ALA C 2 -22.96 11.38 2.29
C ALA C 2 -22.15 10.09 2.33
N SER C 3 -21.79 9.68 3.55
CA SER C 3 -21.32 8.32 3.83
C SER C 3 -22.51 7.39 3.83
N PHE C 4 -22.31 6.10 3.55
CA PHE C 4 -23.43 5.15 3.64
C PHE C 4 -23.91 5.07 5.09
N ALA C 5 -23.02 5.45 6.01
CA ALA C 5 -23.38 5.51 7.43
C ALA C 5 -23.45 6.95 7.90
N PRO C 6 -24.66 7.48 8.08
CA PRO C 6 -24.82 8.93 8.28
C PRO C 6 -24.00 9.51 9.45
N GLU C 7 -23.63 8.68 10.42
CA GLU C 7 -22.85 9.17 11.56
C GLU C 7 -21.39 9.36 11.20
N CYS C 8 -20.98 8.87 10.02
CA CYS C 8 -19.59 9.00 9.57
C CYS C 8 -19.42 10.14 8.58
N THR C 9 -20.51 10.78 8.20
CA THR C 9 -20.45 11.74 7.11
C THR C 9 -19.58 12.94 7.49
N ASP C 10 -19.66 13.40 8.74
CA ASP C 10 -18.85 14.55 9.16
C ASP C 10 -17.35 14.21 9.13
N LEU C 11 -17.00 13.04 9.62
CA LEU C 11 -15.63 12.53 9.55
C LEU C 11 -15.14 12.37 8.11
N LYS C 12 -16.03 11.92 7.24
CA LYS C 12 -15.66 11.75 5.84
C LYS C 12 -15.30 13.09 5.23
N THR C 13 -16.13 14.09 5.49
CA THR C 13 -15.94 15.42 4.96
C THR C 13 -14.57 15.95 5.38
N LYS C 14 -14.23 15.81 6.65
CA LYS C 14 -12.95 16.30 7.15
C LYS C 14 -11.79 15.54 6.51
N TYR C 15 -11.96 14.22 6.32
CA TYR C 15 -10.89 13.46 5.67
C TYR C 15 -10.76 13.85 4.20
N ASP C 16 -11.88 13.94 3.48
CA ASP C 16 -11.86 14.27 2.06
C ASP C 16 -11.20 15.62 1.81
N SER C 17 -11.46 16.60 2.68
CA SER C 17 -10.89 17.94 2.48
C SER C 17 -9.40 17.96 2.70
N CYS C 18 -8.94 17.22 3.72
CA CYS C 18 -7.52 17.06 3.94
C CYS C 18 -6.88 16.33 2.75
N PHE C 19 -7.57 15.31 2.23
CA PHE C 19 -7.01 14.57 1.09
C PHE C 19 -6.93 15.45 -0.14
N ASN C 20 -7.97 16.25 -0.39
CA ASN C 20 -8.01 17.04 -1.63
C ASN C 20 -6.86 18.04 -1.71
N GLU C 21 -6.51 18.65 -0.57
CA GLU C 21 -5.37 19.57 -0.49
C GLU C 21 -4.03 18.85 -0.72
N TRP C 22 -3.82 17.75 0.00
CA TRP C 22 -2.63 16.91 -0.17
C TRP C 22 -2.46 16.46 -1.62
N TYR C 23 -3.55 15.96 -2.19
CA TYR C 23 -3.51 15.42 -3.53
C TYR C 23 -3.09 16.48 -4.57
N SER C 24 -3.76 17.62 -4.55
CA SER C 24 -3.51 18.68 -5.52
C SER C 24 -2.21 19.44 -5.31
N GLU C 25 -1.83 19.64 -4.05
CA GLU C 25 -0.68 20.50 -3.72
C GLU C 25 0.60 19.72 -3.49
N LYS C 26 0.50 18.46 -3.13
CA LYS C 26 1.69 17.69 -2.76
C LYS C 26 1.91 16.52 -3.70
N PHE C 27 0.94 15.60 -3.74
CA PHE C 27 1.12 14.39 -4.51
C PHE C 27 1.33 14.65 -6.00
N LEU C 28 0.38 15.36 -6.62
CA LEU C 28 0.48 15.60 -8.06
C LEU C 28 1.65 16.51 -8.42
N LYS C 29 2.10 17.31 -7.48
CA LYS C 29 3.21 18.21 -7.76
C LYS C 29 4.53 17.55 -7.40
N GLY C 30 4.46 16.27 -7.06
CA GLY C 30 5.65 15.50 -6.75
C GLY C 30 6.44 15.95 -5.53
N LYS C 31 5.77 16.59 -4.56
CA LYS C 31 6.48 17.12 -3.39
C LYS C 31 6.44 16.23 -2.17
N SER C 32 5.59 15.21 -2.18
CA SER C 32 5.37 14.41 -0.98
C SER C 32 4.50 13.21 -1.24
N VAL C 33 4.82 12.11 -0.59
CA VAL C 33 3.94 10.96 -0.68
C VAL C 33 3.55 10.49 0.73
N GLU C 34 3.88 11.28 1.75
CA GLU C 34 3.47 10.94 3.11
C GLU C 34 1.99 11.11 3.35
N ASN C 35 1.48 10.39 4.33
CA ASN C 35 0.10 10.57 4.78
C ASN C 35 0.03 11.74 5.75
N GLU C 36 -0.25 12.93 5.23
CA GLU C 36 -0.45 14.09 6.07
C GLU C 36 -1.86 14.15 6.63
N CYS C 37 -2.65 13.11 6.34
CA CYS C 37 -4.06 13.07 6.74
C CYS C 37 -4.35 11.90 7.66
N SER C 38 -3.30 11.31 8.22
CA SER C 38 -3.40 10.07 8.98
C SER C 38 -4.44 10.12 10.09
N LYS C 39 -4.54 11.25 10.78
CA LYS C 39 -5.46 11.33 11.90
C LYS C 39 -6.92 11.39 11.45
N GLN C 40 -7.20 12.21 10.42
CA GLN C 40 -8.55 12.28 9.86
C GLN C 40 -8.96 10.94 9.27
N TRP C 41 -8.02 10.29 8.60
CA TRP C 41 -8.26 8.98 7.99
C TRP C 41 -8.56 7.95 9.08
N TYR C 42 -7.72 7.91 10.11
CA TYR C 42 -7.91 6.96 11.18
C TYR C 42 -9.30 7.10 11.78
N ALA C 43 -9.70 8.33 12.05
CA ALA C 43 -11.01 8.56 12.67
C ALA C 43 -12.16 8.11 11.75
N TYR C 44 -12.02 8.44 10.48
CA TYR C 44 -13.08 8.15 9.51
C TYR C 44 -13.20 6.66 9.23
N THR C 45 -12.09 5.99 8.95
CA THR C 45 -12.13 4.58 8.60
C THR C 45 -12.57 3.73 9.79
N THR C 46 -12.29 4.18 11.00
CA THR C 46 -12.75 3.47 12.19
C THR C 46 -14.28 3.48 12.27
N CYS C 47 -14.86 4.65 12.02
CA CYS C 47 -16.31 4.79 11.96
C CYS C 47 -16.92 3.90 10.85
N VAL C 48 -16.38 4.00 9.64
CA VAL C 48 -16.91 3.22 8.51
C VAL C 48 -16.83 1.71 8.75
N ASN C 49 -15.67 1.23 9.21
CA ASN C 49 -15.46 -0.20 9.39
C ASN C 49 -16.40 -0.76 10.44
N ALA C 50 -16.66 0.02 11.49
CA ALA C 50 -17.62 -0.41 12.50
C ALA C 50 -19.01 -0.49 11.88
N ALA C 51 -19.30 0.42 10.95
CA ALA C 51 -20.61 0.40 10.27
C ALA C 51 -20.70 -0.77 9.30
N LEU C 52 -19.59 -1.07 8.64
CA LEU C 52 -19.53 -2.12 7.63
C LEU C 52 -19.77 -3.52 8.17
N VAL C 53 -19.39 -3.72 9.43
CA VAL C 53 -19.52 -5.03 10.06
C VAL C 53 -20.98 -5.49 10.06
N LYS C 54 -21.91 -4.55 10.24
CA LYS C 54 -23.32 -4.89 10.28
C LYS C 54 -23.94 -5.05 8.87
N GLN C 55 -23.18 -4.73 7.83
CA GLN C 55 -23.74 -4.74 6.47
C GLN C 55 -23.63 -6.11 5.78
N GLY C 56 -24.74 -6.55 5.21
CA GLY C 56 -24.76 -7.76 4.40
C GLY C 56 -23.76 -7.76 3.25
N ILE C 57 -23.35 -6.57 2.80
CA ILE C 57 -22.46 -6.51 1.63
C ILE C 57 -20.98 -6.77 2.00
N LYS C 58 -20.66 -6.82 3.29
CA LYS C 58 -19.25 -6.91 3.67
C LYS C 58 -18.46 -8.12 3.09
N PRO C 59 -19.03 -9.34 3.10
CA PRO C 59 -18.29 -10.44 2.47
C PRO C 59 -17.97 -10.20 0.98
N ALA C 60 -18.93 -9.70 0.21
CA ALA C 60 -18.68 -9.41 -1.21
C ALA C 60 -17.60 -8.32 -1.40
N LEU C 61 -17.65 -7.30 -0.55
CA LEU C 61 -16.65 -6.23 -0.57
C LEU C 61 -15.27 -6.79 -0.25
N ASP C 62 -15.21 -7.62 0.81
CA ASP C 62 -13.95 -8.22 1.24
C ASP C 62 -13.33 -9.03 0.12
N GLU C 63 -14.18 -9.78 -0.59
CA GLU C 63 -13.74 -10.58 -1.73
C GLU C 63 -13.24 -9.71 -2.87
N ALA C 64 -14.00 -8.66 -3.18
CA ALA C 64 -13.65 -7.74 -4.24
C ALA C 64 -12.33 -7.00 -3.98
N ARG C 65 -12.02 -6.74 -2.71
CA ARG C 65 -10.78 -6.02 -2.39
C ARG C 65 -9.54 -6.87 -2.61
N GLU C 66 -9.74 -8.18 -2.77
CA GLU C 66 -8.64 -9.08 -3.04
C GLU C 66 -8.37 -9.24 -4.52
N GLU C 67 -9.33 -8.82 -5.33
CA GLU C 67 -9.21 -8.95 -6.77
C GLU C 67 -8.33 -7.83 -7.29
N ALA C 68 -7.64 -8.09 -8.39
CA ALA C 68 -6.74 -7.11 -8.97
C ALA C 68 -7.11 -6.84 -10.42
N PRO C 69 -8.09 -5.95 -10.62
CA PRO C 69 -8.70 -5.68 -11.94
C PRO C 69 -7.70 -5.20 -13.00
N PHE C 70 -6.67 -4.45 -12.59
CA PHE C 70 -5.73 -3.91 -13.57
C PHE C 70 -4.55 -4.84 -13.80
N SER D 1 7.61 5.85 15.23
CA SER D 1 8.09 4.47 15.11
C SER D 1 7.83 3.67 16.40
N ALA D 2 6.95 2.68 16.33
CA ALA D 2 6.52 1.99 17.55
C ALA D 2 7.36 0.77 17.91
N SER D 3 7.41 0.46 19.21
CA SER D 3 7.93 -0.81 19.69
C SER D 3 6.81 -1.84 19.50
N PHE D 4 7.13 -3.13 19.47
CA PHE D 4 6.07 -4.14 19.41
C PHE D 4 5.28 -4.13 20.73
N ALA D 5 5.91 -3.65 21.79
CA ALA D 5 5.27 -3.41 23.09
C ALA D 5 5.14 -1.92 23.34
N PRO D 6 3.90 -1.41 23.31
CA PRO D 6 3.57 0.02 23.34
C PRO D 6 4.12 0.78 24.56
N GLU D 7 4.34 0.07 25.67
CA GLU D 7 4.87 0.71 26.88
C GLU D 7 6.36 1.00 26.74
N CYS D 8 6.97 0.49 25.67
CA CYS D 8 8.40 0.68 25.44
C CYS D 8 8.69 1.72 24.37
N THR D 9 7.65 2.21 23.71
CA THR D 9 7.85 3.08 22.55
C THR D 9 8.55 4.38 22.92
N ASP D 10 8.12 5.04 24.00
CA ASP D 10 8.72 6.32 24.33
C ASP D 10 10.15 6.14 24.82
N LEU D 11 10.43 4.98 25.40
CA LEU D 11 11.79 4.63 25.79
C LEU D 11 12.68 4.34 24.57
N LYS D 12 12.10 3.69 23.58
CA LYS D 12 12.82 3.42 22.34
C LYS D 12 13.27 4.72 21.66
N THR D 13 12.32 5.65 21.52
CA THR D 13 12.57 6.95 20.91
C THR D 13 13.75 7.68 21.52
N LYS D 14 13.81 7.67 22.85
CA LYS D 14 14.89 8.31 23.59
C LYS D 14 16.23 7.62 23.34
N TYR D 15 16.22 6.28 23.30
CA TYR D 15 17.45 5.58 23.00
C TYR D 15 17.87 5.85 21.55
N ASP D 16 16.90 5.75 20.62
CA ASP D 16 17.18 5.95 19.20
C ASP D 16 17.78 7.36 18.95
N SER D 17 17.25 8.37 19.62
CA SER D 17 17.73 9.74 19.47
C SER D 17 19.18 9.88 19.93
N CYS D 18 19.48 9.24 21.06
CA CYS D 18 20.84 9.28 21.59
C CYS D 18 21.82 8.54 20.70
N PHE D 19 21.40 7.37 20.23
CA PHE D 19 22.25 6.60 19.32
C PHE D 19 22.51 7.36 18.03
N ASN D 20 21.46 7.95 17.49
CA ASN D 20 21.56 8.67 16.22
C ASN D 20 22.61 9.79 16.29
N GLU D 21 22.64 10.52 17.39
CA GLU D 21 23.70 11.52 17.59
C GLU D 21 25.09 10.89 17.68
N TRP D 22 25.20 9.86 18.52
CA TRP D 22 26.46 9.14 18.70
C TRP D 22 27.00 8.55 17.40
N TYR D 23 26.09 7.99 16.61
CA TYR D 23 26.46 7.32 15.38
C TYR D 23 27.02 8.36 14.40
N SER D 24 26.23 9.40 14.14
CA SER D 24 26.68 10.43 13.20
C SER D 24 27.88 11.20 13.69
N GLU D 25 27.81 11.70 14.91
CA GLU D 25 28.81 12.66 15.37
C GLU D 25 30.06 12.01 15.99
N LYS D 26 29.96 10.76 16.44
CA LYS D 26 31.11 10.14 17.07
C LYS D 26 31.60 8.88 16.37
N PHE D 27 30.73 7.88 16.19
CA PHE D 27 31.20 6.62 15.66
C PHE D 27 31.75 6.75 14.23
N LEU D 28 30.98 7.37 13.35
CA LEU D 28 31.40 7.51 11.96
C LEU D 28 32.61 8.42 11.81
N LYS D 29 32.81 9.31 12.77
CA LYS D 29 33.97 10.19 12.74
C LYS D 29 35.16 9.58 13.47
N GLY D 30 35.00 8.33 13.91
CA GLY D 30 36.05 7.64 14.64
C GLY D 30 36.41 8.28 15.98
N LYS D 31 35.47 9.03 16.56
CA LYS D 31 35.74 9.77 17.80
C LYS D 31 35.30 9.06 19.07
N SER D 32 34.70 7.87 18.95
CA SER D 32 34.30 7.11 20.14
C SER D 32 33.84 5.69 19.85
N VAL D 33 33.95 4.85 20.86
CA VAL D 33 33.41 3.49 20.82
C VAL D 33 32.74 3.14 22.15
N GLU D 34 32.77 4.08 23.10
CA GLU D 34 32.15 3.89 24.42
C GLU D 34 30.64 3.79 24.27
N ASN D 35 29.96 3.30 25.31
CA ASN D 35 28.51 3.28 25.29
C ASN D 35 27.99 4.54 25.98
N GLU D 36 27.88 5.60 25.19
CA GLU D 36 27.49 6.91 25.69
C GLU D 36 25.96 7.02 25.77
N CYS D 37 25.29 5.94 25.40
CA CYS D 37 23.83 5.90 25.48
C CYS D 37 23.34 4.83 26.44
N SER D 38 24.20 4.38 27.35
CA SER D 38 23.89 3.24 28.22
C SER D 38 22.64 3.45 29.09
N LYS D 39 22.43 4.68 29.55
CA LYS D 39 21.27 4.96 30.40
C LYS D 39 19.97 4.74 29.64
N GLN D 40 19.87 5.36 28.47
CA GLN D 40 18.70 5.19 27.62
C GLN D 40 18.56 3.76 27.12
N TRP D 41 19.70 3.13 26.84
CA TRP D 41 19.70 1.76 26.33
C TRP D 41 19.16 0.77 27.36
N TYR D 42 19.73 0.81 28.57
CA TYR D 42 19.40 -0.20 29.56
C TYR D 42 17.98 -0.04 30.07
N ALA D 43 17.47 1.19 30.09
CA ALA D 43 16.06 1.39 30.41
C ALA D 43 15.17 0.77 29.33
N TYR D 44 15.48 1.06 28.08
CA TYR D 44 14.68 0.57 26.97
C TYR D 44 14.69 -0.94 26.91
N THR D 45 15.88 -1.52 26.97
CA THR D 45 16.05 -2.95 26.77
C THR D 45 15.44 -3.74 27.93
N THR D 46 15.37 -3.13 29.12
CA THR D 46 14.69 -3.75 30.25
C THR D 46 13.19 -3.86 29.97
N CYS D 47 12.61 -2.80 29.43
CA CYS D 47 11.20 -2.82 29.08
C CYS D 47 10.92 -3.85 27.96
N VAL D 48 11.83 -3.95 26.99
CA VAL D 48 11.65 -4.88 25.87
C VAL D 48 11.74 -6.33 26.31
N ASN D 49 12.79 -6.67 27.07
CA ASN D 49 12.99 -8.05 27.50
C ASN D 49 11.86 -8.57 28.38
N ALA D 50 11.30 -7.70 29.21
CA ALA D 50 10.17 -8.06 30.04
C ALA D 50 8.99 -8.41 29.15
N ALA D 51 8.88 -7.68 28.04
CA ALA D 51 7.79 -7.91 27.10
C ALA D 51 8.03 -9.17 26.27
N LEU D 52 9.28 -9.41 25.90
CA LEU D 52 9.62 -10.54 25.02
C LEU D 52 9.41 -11.89 25.72
N VAL D 53 9.51 -11.89 27.04
CA VAL D 53 9.43 -13.11 27.83
C VAL D 53 8.10 -13.82 27.61
N LYS D 54 7.05 -13.02 27.44
CA LYS D 54 5.70 -13.50 27.23
C LYS D 54 5.42 -13.78 25.74
N GLN D 55 6.38 -13.50 24.86
CA GLN D 55 6.14 -13.60 23.41
C GLN D 55 6.46 -14.98 22.86
N GLY D 56 5.55 -15.52 22.06
CA GLY D 56 5.74 -16.84 21.46
C GLY D 56 7.02 -16.95 20.66
N ILE D 57 7.43 -15.83 20.08
CA ILE D 57 8.56 -15.81 19.16
C ILE D 57 9.90 -15.92 19.88
N LYS D 58 9.90 -15.73 21.20
CA LYS D 58 11.18 -15.58 21.91
C LYS D 58 12.18 -16.72 21.67
N PRO D 59 11.73 -18.01 21.68
CA PRO D 59 12.71 -19.06 21.40
C PRO D 59 13.32 -19.02 20.01
N ALA D 60 12.52 -18.66 19.02
CA ALA D 60 13.02 -18.57 17.65
C ALA D 60 14.02 -17.40 17.52
N LEU D 61 13.74 -16.30 18.22
CA LEU D 61 14.65 -15.15 18.29
C LEU D 61 15.95 -15.53 18.99
N ASP D 62 15.84 -16.27 20.10
CA ASP D 62 17.03 -16.67 20.86
C ASP D 62 17.94 -17.53 19.99
N GLU D 63 17.34 -18.42 19.22
CA GLU D 63 18.10 -19.27 18.33
C GLU D 63 18.77 -18.44 17.25
N ALA D 64 17.99 -17.57 16.62
CA ALA D 64 18.49 -16.70 15.54
C ALA D 64 19.70 -15.87 15.99
N ARG D 65 19.70 -15.43 17.24
CA ARG D 65 20.79 -14.63 17.79
C ARG D 65 22.11 -15.39 17.96
N GLU D 66 22.09 -16.71 17.76
CA GLU D 66 23.30 -17.52 17.86
C GLU D 66 23.95 -17.73 16.51
N GLU D 67 23.17 -17.55 15.46
CA GLU D 67 23.64 -17.79 14.11
C GLU D 67 24.54 -16.64 13.68
N ALA D 68 25.39 -16.90 12.69
CA ALA D 68 26.33 -15.91 12.19
C ALA D 68 26.21 -15.80 10.67
N PRO D 69 25.30 -14.93 10.21
CA PRO D 69 24.94 -14.83 8.78
C PRO D 69 26.12 -14.34 7.93
N PHE D 70 27.06 -13.62 8.53
CA PHE D 70 28.19 -13.06 7.79
C PHE D 70 29.47 -13.86 8.04
P1 LPP E . 8.94 -9.46 3.00
O2 LPP E . 8.77 -10.43 1.86
O3 LPP E . 8.02 -9.84 4.13
O4 LPP E . 8.60 -8.07 2.54
O5 LPP E . 10.46 -9.50 3.48
C6 LPP E . 10.89 -8.69 4.55
C7 LPP E . 12.34 -8.30 4.36
C8 LPP E . 12.89 -9.07 3.18
O9 LPP E . 12.53 -6.93 4.14
O27 LPP E . 14.08 -9.74 3.57
C11 LPP E . 11.76 -6.10 4.97
O10 LPP E . 12.09 -5.93 6.13
C12 LPP E . 10.53 -5.45 4.39
C13 LPP E . 9.89 -4.43 5.31
C14 LPP E . 8.84 -3.65 4.54
C15 LPP E . 9.42 -3.02 3.30
C16 LPP E . 10.64 -2.19 3.61
C17 LPP E . 11.72 -2.39 2.58
C18 LPP E . 12.99 -3.02 3.12
C19 LPP E . 13.28 -4.33 2.41
C20 LPP E . 14.68 -4.86 2.70
C21 LPP E . 15.69 -3.74 2.80
C22 LPP E . 17.10 -4.19 2.48
C23 LPP E . 17.76 -3.44 1.33
C24 LPP E . 17.80 -4.11 -0.04
C25 LPP E . 16.50 -4.65 -0.61
C26 LPP E . 16.57 -4.79 -2.11
C29 LPP E . 13.99 -11.07 4.05
O28 LPP E . 14.74 -11.91 3.62
C30 LPP E . 12.98 -11.48 5.11
C31 LPP E . 11.74 -12.12 4.50
C32 LPP E . 10.54 -12.22 5.41
C33 LPP E . 9.29 -12.54 4.61
C34 LPP E . 8.89 -13.99 4.62
C35 LPP E . 7.40 -14.16 4.85
C36 LPP E . 6.87 -15.44 4.25
C37 LPP E . 6.22 -16.35 5.28
C38 LPP E . 4.84 -16.85 4.88
C39 LPP E . 4.85 -17.96 3.85
C40 LPP E . 3.97 -17.64 2.65
C41 LPP E . 4.06 -18.64 1.52
C42 LPP E . 3.68 -18.04 0.18
C43 LPP E . 3.21 -19.09 -0.79
C44 LPP E . 2.60 -18.53 -2.07
P1 LPP F . -25.27 2.03 -13.76
O2 LPP F . -24.91 0.92 -14.70
O3 LPP F . -25.96 1.49 -12.54
O4 LPP F . -26.21 3.00 -14.47
O5 LPP F . -23.92 2.80 -13.33
C6 LPP F . -22.98 2.08 -12.56
C7 LPP F . -21.59 2.25 -13.15
C8 LPP F . -21.48 1.42 -14.44
O9 LPP F . -21.28 3.62 -13.33
O27 LPP F . -21.65 0.03 -14.07
C11 LPP F . -21.32 4.32 -12.08
O10 LPP F . -20.53 4.02 -11.21
C12 LPP F . -22.38 5.42 -11.83
C13 LPP F . -21.94 6.83 -12.25
C14 LPP F . -22.06 7.10 -13.75
C15 LPP F . -20.80 6.70 -14.52
C16 LPP F . -21.17 6.07 -15.86
C17 LPP F . -19.96 5.56 -16.68
C18 LPP F . -20.28 5.47 -18.19
C19 LPP F . -19.87 4.18 -18.93
C20 LPP F . -18.68 4.44 -19.89
C21 LPP F . -18.76 5.81 -20.59
C22 LPP F . -17.84 6.89 -19.98
C23 LPP F . -18.52 8.25 -19.94
C24 LPP F . -17.95 9.29 -20.91
C25 LPP F . -16.82 10.07 -20.27
C26 LPP F . -15.49 9.38 -20.48
C29 LPP F . -20.60 -0.54 -13.27
O28 LPP F . -19.52 -0.81 -13.77
C30 LPP F . -20.78 -0.82 -11.75
C31 LPP F . -22.24 -1.00 -11.25
C32 LPP F . -23.12 -1.96 -12.08
C33 LPP F . -24.38 -1.23 -12.60
C34 LPP F . -25.63 -1.54 -11.76
C35 LPP F . -25.84 -3.05 -11.65
C36 LPP F . -27.27 -3.49 -12.00
C37 LPP F . -27.37 -5.03 -12.03
C38 LPP F . -28.52 -5.60 -11.17
C39 LPP F . -29.93 -5.39 -11.78
C40 LPP F . -30.34 -6.48 -12.80
C41 LPP F . -30.94 -5.85 -14.08
C42 LPP F . -30.99 -6.82 -15.26
C43 LPP F . -31.77 -6.30 -16.46
C44 LPP F . -32.11 -7.39 -17.46
#